data_3SR5
#
_entry.id   3SR5
#
_cell.length_a   79.173
_cell.length_b   79.173
_cell.length_c   107.235
_cell.angle_alpha   90.000
_cell.angle_beta   90.000
_cell.angle_gamma   120.000
#
_symmetry.space_group_name_H-M   'P 61 2 2'
#
loop_
_entity.id
_entity.type
_entity.pdbx_description
1 polymer 'Dihydrofolate reductase'
2 non-polymer 'NADP NICOTINAMIDE-ADENINE-DINUCLEOTIDE PHOSPHATE'
3 non-polymer 7-(3,4-dimethoxyphenyl)-6-methylquinazoline-2,4-diamine
4 water water
#
_entity_poly.entity_id   1
_entity_poly.type   'polypeptide(L)'
_entity_poly.pdbx_seq_one_letter_code
;TLSILVAHDLQRVIGFENQLPWHLPNDLKHVKKLSTGHTLVMGRKTFESIGKPLPNRRNVVLTSDTSFNVEGVDVIHSIE
DIYQLPGHVFIFGGQTLFEEMIDKVDDMYITVIEGKFRGDTFFPPYTFEDWEVASSVEGKLDEKNTIPHTFLHLIRKKLE
HHHHHH
;
_entity_poly.pdbx_strand_id   X
#
# COMPACT_ATOMS: atom_id res chain seq x y z
N THR A 1 -13.41 -8.13 -1.43
CA THR A 1 -12.99 -6.99 -0.57
C THR A 1 -11.89 -6.19 -1.27
N LEU A 2 -12.05 -4.89 -1.23
CA LEU A 2 -11.07 -3.98 -1.81
C LEU A 2 -10.51 -3.14 -0.66
N SER A 3 -9.21 -3.24 -0.45
CA SER A 3 -8.56 -2.61 0.70
C SER A 3 -7.38 -1.75 0.22
N ILE A 4 -7.07 -0.69 0.95
CA ILE A 4 -5.78 -0.03 0.78
C ILE A 4 -4.79 -0.65 1.77
N LEU A 5 -3.53 -0.73 1.33
CA LEU A 5 -2.42 -1.15 2.16
C LEU A 5 -1.35 -0.09 2.01
N VAL A 6 -0.96 0.54 3.11
CA VAL A 6 -0.02 1.66 3.01
C VAL A 6 0.75 1.83 4.32
N ALA A 7 1.98 2.34 4.21
CA ALA A 7 2.74 2.84 5.34
C ALA A 7 2.93 4.34 5.12
N HIS A 8 2.52 5.15 6.10
CA HIS A 8 2.74 6.61 5.97
C HIS A 8 3.22 7.19 7.30
N ASP A 9 3.97 8.28 7.24
CA ASP A 9 4.56 8.87 8.46
C ASP A 9 3.59 9.86 9.10
N LEU A 10 4.04 10.57 10.11
CA LEU A 10 3.17 11.50 10.84
C LEU A 10 2.53 12.61 9.98
N GLN A 11 3.16 12.90 8.83
CA GLN A 11 2.71 13.97 7.92
C GLN A 11 2.21 13.37 6.61
N ARG A 12 1.95 12.06 6.64
CA ARG A 12 1.46 11.27 5.50
C ARG A 12 2.46 11.10 4.34
N VAL A 13 3.73 11.33 4.59
CA VAL A 13 4.75 10.95 3.62
C VAL A 13 4.68 9.43 3.35
N ILE A 14 4.73 9.05 2.07
CA ILE A 14 4.85 7.63 1.67
C ILE A 14 6.11 7.29 0.88
N GLY A 15 6.74 8.27 0.25
CA GLY A 15 7.90 7.94 -0.57
C GLY A 15 8.84 9.09 -0.76
N PHE A 16 10.06 8.75 -1.16
CA PHE A 16 11.04 9.76 -1.55
C PHE A 16 11.93 9.14 -2.62
N GLU A 17 12.00 9.82 -3.76
CA GLU A 17 12.85 9.36 -4.87
C GLU A 17 12.58 7.89 -5.25
N ASN A 18 11.31 7.55 -5.34
CA ASN A 18 10.85 6.21 -5.74
C ASN A 18 11.30 5.05 -4.85
N GLN A 19 11.51 5.36 -3.57
CA GLN A 19 11.73 4.36 -2.52
C GLN A 19 10.92 4.80 -1.31
N LEU A 20 10.75 3.87 -0.36
CA LEU A 20 10.19 4.23 0.96
C LEU A 20 11.30 4.90 1.77
N PRO A 21 10.99 6.01 2.47
CA PRO A 21 11.99 6.78 3.20
C PRO A 21 12.65 6.09 4.40
N TRP A 22 12.05 4.99 4.87
CA TRP A 22 12.45 4.36 6.13
C TRP A 22 12.81 2.91 5.87
N HIS A 23 13.56 2.34 6.82
CA HIS A 23 13.86 0.92 6.81
C HIS A 23 13.13 0.28 7.98
N LEU A 24 12.16 -0.57 7.69
CA LEU A 24 11.35 -1.15 8.75
C LEU A 24 10.93 -2.58 8.41
N PRO A 25 11.83 -3.57 8.66
CA PRO A 25 11.53 -4.97 8.36
C PRO A 25 10.17 -5.46 8.84
N ASN A 26 9.74 -5.01 10.03
CA ASN A 26 8.44 -5.45 10.57
C ASN A 26 7.25 -5.05 9.68
N ASP A 27 7.37 -3.93 8.97
CA ASP A 27 6.30 -3.51 8.06
C ASP A 27 6.25 -4.48 6.87
N LEU A 28 7.41 -4.93 6.41
CA LEU A 28 7.41 -5.89 5.32
C LEU A 28 6.78 -7.21 5.74
N LYS A 29 7.03 -7.62 6.98
CA LYS A 29 6.43 -8.86 7.53
C LYS A 29 4.90 -8.73 7.55
N HIS A 30 4.43 -7.53 7.93
CA HIS A 30 3.01 -7.16 7.96
C HIS A 30 2.40 -7.28 6.56
N VAL A 31 3.06 -6.68 5.56
CA VAL A 31 2.63 -6.78 4.17
C VAL A 31 2.56 -8.25 3.73
N LYS A 32 3.60 -9.01 4.04
CA LYS A 32 3.65 -10.42 3.70
C LYS A 32 2.45 -11.17 4.30
N LYS A 33 2.20 -10.94 5.57
CA LYS A 33 1.13 -11.63 6.31
C LYS A 33 -0.24 -11.32 5.72
N LEU A 34 -0.48 -10.03 5.44
CA LEU A 34 -1.78 -9.60 4.90
C LEU A 34 -2.05 -10.04 3.47
N SER A 35 -1.06 -9.93 2.58
CA SER A 35 -1.32 -10.03 1.15
C SER A 35 -0.89 -11.35 0.47
N THR A 36 -0.10 -12.16 1.15
CA THR A 36 0.22 -13.52 0.66
C THR A 36 -1.06 -14.28 0.34
N GLY A 37 -1.11 -14.82 -0.86
CA GLY A 37 -2.26 -15.60 -1.31
C GLY A 37 -3.41 -14.75 -1.81
N HIS A 38 -3.17 -13.43 -1.93
CA HIS A 38 -4.20 -12.48 -2.37
C HIS A 38 -3.73 -11.70 -3.60
N THR A 39 -4.21 -10.48 -3.77
CA THR A 39 -3.86 -9.69 -4.98
C THR A 39 -3.38 -8.30 -4.59
N LEU A 40 -2.26 -7.88 -5.18
CA LEU A 40 -1.79 -6.49 -5.09
C LEU A 40 -2.02 -5.81 -6.43
N VAL A 41 -2.57 -4.61 -6.38
CA VAL A 41 -2.68 -3.72 -7.53
C VAL A 41 -1.78 -2.51 -7.26
N MET A 42 -0.85 -2.21 -8.17
CA MET A 42 0.06 -1.10 -7.96
C MET A 42 0.27 -0.30 -9.23
N GLY A 43 0.67 0.96 -9.07
CA GLY A 43 1.04 1.79 -10.20
C GLY A 43 2.37 1.35 -10.79
N ARG A 44 2.66 1.86 -11.97
CA ARG A 44 3.85 1.48 -12.71
C ARG A 44 5.13 1.86 -11.96
N LYS A 45 5.16 3.04 -11.34
CA LYS A 45 6.37 3.49 -10.65
C LYS A 45 6.66 2.61 -9.45
N THR A 46 5.63 2.30 -8.68
CA THR A 46 5.79 1.37 -7.57
C THR A 46 6.34 0.02 -8.06
N PHE A 47 5.79 -0.49 -9.16
CA PHE A 47 6.32 -1.73 -9.68
C PHE A 47 7.80 -1.62 -10.06
N GLU A 48 8.17 -0.56 -10.77
CA GLU A 48 9.55 -0.42 -11.23
C GLU A 48 10.50 -0.25 -10.05
N SER A 49 10.01 0.35 -8.97
CA SER A 49 10.78 0.50 -7.73
C SER A 49 11.10 -0.85 -7.09
N ILE A 50 10.15 -1.78 -7.13
CA ILE A 50 10.38 -3.10 -6.54
C ILE A 50 11.10 -4.03 -7.54
N GLY A 51 10.90 -3.77 -8.83
CA GLY A 51 11.68 -4.43 -9.89
C GLY A 51 11.21 -5.81 -10.34
N LYS A 52 10.48 -6.50 -9.47
CA LYS A 52 9.94 -7.84 -9.75
C LYS A 52 8.67 -8.04 -8.91
N PRO A 53 7.76 -8.92 -9.37
CA PRO A 53 6.53 -9.15 -8.59
C PRO A 53 6.85 -9.75 -7.22
N LEU A 54 6.02 -9.44 -6.22
CA LEU A 54 6.16 -10.03 -4.90
C LEU A 54 5.70 -11.48 -5.01
N PRO A 55 6.49 -12.41 -4.42
CA PRO A 55 6.14 -13.83 -4.53
C PRO A 55 4.86 -14.21 -3.80
N ASN A 56 4.21 -15.27 -4.29
CA ASN A 56 3.08 -15.92 -3.57
C ASN A 56 1.79 -15.09 -3.49
N ARG A 57 1.59 -14.22 -4.47
CA ARG A 57 0.36 -13.46 -4.61
C ARG A 57 0.27 -12.96 -6.04
N ARG A 58 -0.93 -12.56 -6.44
CA ARG A 58 -1.13 -12.03 -7.77
C ARG A 58 -0.66 -10.58 -7.75
N ASN A 59 0.25 -10.26 -8.66
CA ASN A 59 0.72 -8.88 -8.85
C ASN A 59 0.08 -8.28 -10.09
N VAL A 60 -0.63 -7.18 -9.88
CA VAL A 60 -1.33 -6.48 -10.96
C VAL A 60 -0.79 -5.06 -11.07
N VAL A 61 -0.39 -4.66 -12.27
CA VAL A 61 0.21 -3.34 -12.48
C VAL A 61 -0.70 -2.50 -13.39
N LEU A 62 -0.99 -1.29 -12.91
CA LEU A 62 -1.78 -0.30 -13.63
C LEU A 62 -0.82 0.67 -14.35
N THR A 63 -0.95 0.72 -15.68
CA THR A 63 -0.10 1.55 -16.52
C THR A 63 -0.83 1.87 -17.82
N SER A 64 -0.54 3.04 -18.41
CA SER A 64 -0.98 3.34 -19.77
C SER A 64 -0.11 2.68 -20.85
N ASP A 65 1.05 2.14 -20.46
CA ASP A 65 1.99 1.56 -21.41
C ASP A 65 1.48 0.24 -22.00
N THR A 66 1.06 0.29 -23.27
CA THR A 66 0.53 -0.89 -23.95
C THR A 66 1.63 -1.89 -24.33
N SER A 67 2.89 -1.49 -24.18
CA SER A 67 4.01 -2.41 -24.37
C SER A 67 4.37 -3.19 -23.11
N PHE A 68 3.69 -2.90 -22.00
CA PHE A 68 3.96 -3.54 -20.73
C PHE A 68 3.48 -4.99 -20.77
N ASN A 69 4.44 -5.92 -20.71
CA ASN A 69 4.14 -7.37 -20.63
C ASN A 69 5.28 -8.07 -19.90
N VAL A 70 5.14 -8.16 -18.57
CA VAL A 70 6.21 -8.62 -17.70
C VAL A 70 5.85 -9.99 -17.12
N GLU A 71 6.82 -10.92 -17.14
CA GLU A 71 6.64 -12.27 -16.57
C GLU A 71 6.17 -12.21 -15.11
N GLY A 72 5.11 -12.95 -14.81
CA GLY A 72 4.59 -13.04 -13.45
C GLY A 72 3.80 -11.83 -12.99
N VAL A 73 3.54 -10.90 -13.91
CA VAL A 73 2.73 -9.72 -13.63
C VAL A 73 1.54 -9.68 -14.57
N ASP A 74 0.36 -9.36 -14.03
CA ASP A 74 -0.80 -9.08 -14.85
C ASP A 74 -0.92 -7.58 -15.01
N VAL A 75 -1.24 -7.12 -16.21
CA VAL A 75 -1.34 -5.69 -16.45
C VAL A 75 -2.80 -5.28 -16.63
N ILE A 76 -3.11 -4.08 -16.14
CA ILE A 76 -4.40 -3.44 -16.39
C ILE A 76 -4.14 -2.00 -16.86
N HIS A 77 -5.09 -1.43 -17.59
CA HIS A 77 -4.91 -0.11 -18.21
C HIS A 77 -5.94 0.92 -17.76
N SER A 78 -6.83 0.50 -16.86
CA SER A 78 -7.90 1.34 -16.35
C SER A 78 -8.17 1.07 -14.87
N ILE A 79 -8.55 2.10 -14.14
CA ILE A 79 -9.03 1.92 -12.77
C ILE A 79 -10.21 0.95 -12.75
N GLU A 80 -11.10 1.06 -13.74
CA GLU A 80 -12.31 0.23 -13.77
C GLU A 80 -11.98 -1.27 -13.78
N ASP A 81 -10.82 -1.64 -14.32
CA ASP A 81 -10.36 -3.03 -14.36
C ASP A 81 -10.17 -3.65 -12.98
N ILE A 82 -9.85 -2.81 -11.99
CA ILE A 82 -9.67 -3.27 -10.61
C ILE A 82 -10.90 -3.99 -10.07
N TYR A 83 -12.08 -3.48 -10.40
CA TYR A 83 -13.35 -4.03 -9.86
C TYR A 83 -13.71 -5.42 -10.41
N GLN A 84 -13.03 -5.83 -11.46
CA GLN A 84 -13.22 -7.14 -12.11
C GLN A 84 -12.32 -8.23 -11.52
N LEU A 85 -11.37 -7.82 -10.68
CA LEU A 85 -10.43 -8.74 -10.04
C LEU A 85 -11.08 -9.50 -8.88
N PRO A 86 -10.98 -10.86 -8.90
CA PRO A 86 -11.55 -11.68 -7.84
C PRO A 86 -10.78 -11.65 -6.50
N GLY A 87 -11.49 -11.98 -5.43
CA GLY A 87 -10.88 -12.20 -4.11
C GLY A 87 -10.52 -10.92 -3.38
N HIS A 88 -9.59 -11.03 -2.43
CA HIS A 88 -9.18 -9.88 -1.64
C HIS A 88 -8.10 -9.09 -2.40
N VAL A 89 -8.47 -7.88 -2.79
CA VAL A 89 -7.57 -7.03 -3.58
C VAL A 89 -7.06 -5.91 -2.69
N PHE A 90 -5.73 -5.77 -2.63
CA PHE A 90 -5.07 -4.70 -1.90
C PHE A 90 -4.50 -3.67 -2.86
N ILE A 91 -4.97 -2.43 -2.73
CA ILE A 91 -4.35 -1.30 -3.42
C ILE A 91 -3.02 -1.00 -2.73
N PHE A 92 -1.93 -1.17 -3.48
CA PHE A 92 -0.56 -1.29 -2.94
C PHE A 92 0.30 -0.02 -3.12
N GLY A 93 -0.25 0.96 -3.84
CA GLY A 93 0.44 2.25 -4.06
C GLY A 93 0.66 2.52 -5.54
N GLY A 94 1.29 3.64 -5.90
CA GLY A 94 1.81 4.61 -4.94
C GLY A 94 0.83 5.76 -4.77
N GLN A 95 1.35 6.98 -4.68
CA GLN A 95 0.51 8.15 -4.43
C GLN A 95 -0.69 8.23 -5.36
N THR A 96 -0.44 8.05 -6.65
CA THR A 96 -1.49 8.19 -7.65
C THR A 96 -2.62 7.15 -7.43
N LEU A 97 -2.24 5.89 -7.25
CA LEU A 97 -3.23 4.86 -6.92
C LEU A 97 -4.04 5.15 -5.66
N PHE A 98 -3.34 5.54 -4.59
CA PHE A 98 -4.04 5.90 -3.34
C PHE A 98 -5.05 7.04 -3.51
N GLU A 99 -4.65 8.07 -4.25
CA GLU A 99 -5.50 9.21 -4.50
C GLU A 99 -6.73 8.77 -5.27
N GLU A 100 -6.51 7.87 -6.25
CA GLU A 100 -7.61 7.39 -7.09
C GLU A 100 -8.57 6.44 -6.37
N MET A 101 -8.10 5.78 -5.32
CA MET A 101 -8.86 4.68 -4.71
C MET A 101 -9.38 4.91 -3.30
N ILE A 102 -8.90 5.95 -2.62
CA ILE A 102 -9.28 6.11 -1.21
C ILE A 102 -10.79 6.25 -1.01
N ASP A 103 -11.49 6.89 -1.95
CA ASP A 103 -12.95 7.02 -1.85
C ASP A 103 -13.72 5.76 -2.27
N LYS A 104 -13.01 4.75 -2.76
CA LYS A 104 -13.61 3.54 -3.33
C LYS A 104 -13.43 2.28 -2.46
N VAL A 105 -12.37 2.26 -1.64
CA VAL A 105 -12.04 1.03 -0.91
C VAL A 105 -12.95 0.78 0.31
N ASP A 106 -13.06 -0.49 0.70
CA ASP A 106 -13.87 -0.91 1.86
C ASP A 106 -13.17 -0.53 3.18
N ASP A 107 -11.84 -0.63 3.16
CA ASP A 107 -11.06 -0.50 4.39
C ASP A 107 -9.61 -0.18 4.04
N MET A 108 -8.85 0.13 5.07
CA MET A 108 -7.44 0.47 4.90
C MET A 108 -6.61 -0.20 5.99
N TYR A 109 -5.48 -0.78 5.59
CA TYR A 109 -4.48 -1.32 6.50
C TYR A 109 -3.30 -0.37 6.45
N ILE A 110 -3.21 0.47 7.47
CA ILE A 110 -2.20 1.52 7.51
C ILE A 110 -1.14 1.22 8.55
N THR A 111 0.12 1.30 8.16
CA THR A 111 1.20 1.34 9.12
C THR A 111 1.56 2.81 9.32
N VAL A 112 1.19 3.34 10.48
CA VAL A 112 1.60 4.72 10.81
C VAL A 112 3.05 4.69 11.32
N ILE A 113 3.94 5.30 10.56
CA ILE A 113 5.34 5.44 10.94
C ILE A 113 5.43 6.70 11.81
N GLU A 114 5.77 6.51 13.09
CA GLU A 114 5.68 7.60 14.05
C GLU A 114 6.93 8.49 14.06
N GLY A 115 7.26 9.01 12.87
CA GLY A 115 8.36 9.95 12.67
C GLY A 115 8.04 10.93 11.56
N LYS A 116 8.96 11.86 11.33
CA LYS A 116 8.80 12.85 10.26
C LYS A 116 9.98 12.71 9.30
N PHE A 117 9.68 12.25 8.08
CA PHE A 117 10.69 12.03 7.04
C PHE A 117 10.60 13.05 5.93
N ARG A 118 11.68 13.23 5.18
CA ARG A 118 11.58 13.99 3.92
C ARG A 118 10.86 13.16 2.89
N GLY A 119 9.82 13.70 2.27
CA GLY A 119 9.08 12.95 1.23
C GLY A 119 8.85 13.78 -0.01
N ASP A 120 8.59 13.08 -1.13
CA ASP A 120 8.10 13.73 -2.34
C ASP A 120 6.76 13.17 -2.81
N THR A 121 6.24 12.19 -2.07
CA THR A 121 4.93 11.60 -2.35
C THR A 121 4.18 11.33 -1.05
N PHE A 122 2.86 11.52 -1.09
CA PHE A 122 2.04 11.51 0.12
C PHE A 122 0.78 10.68 -0.03
N PHE A 123 0.33 10.13 1.10
CA PHE A 123 -0.99 9.56 1.18
C PHE A 123 -1.98 10.75 1.30
N PRO A 124 -3.16 10.66 0.67
CA PRO A 124 -4.11 11.78 0.75
C PRO A 124 -4.67 11.93 2.17
N PRO A 125 -5.06 13.17 2.56
CA PRO A 125 -5.67 13.40 3.88
C PRO A 125 -6.93 12.56 4.05
N TYR A 126 -7.17 12.11 5.28
CA TYR A 126 -8.38 11.40 5.63
C TYR A 126 -8.72 11.74 7.06
N THR A 127 -9.97 11.52 7.44
CA THR A 127 -10.42 11.87 8.77
C THR A 127 -11.08 10.68 9.46
N PHE A 128 -10.80 10.51 10.76
CA PHE A 128 -11.43 9.44 11.55
C PHE A 128 -12.94 9.62 11.70
N GLU A 129 -13.47 10.76 11.23
CA GLU A 129 -14.92 10.91 11.15
C GLU A 129 -15.53 9.93 10.15
N ASP A 130 -14.72 9.50 9.19
CA ASP A 130 -15.18 8.64 8.09
C ASP A 130 -14.79 7.19 8.28
N TRP A 131 -13.90 6.92 9.24
CA TRP A 131 -13.23 5.61 9.35
C TRP A 131 -13.26 5.09 10.78
N GLU A 132 -13.82 3.90 10.95
CA GLU A 132 -13.85 3.28 12.29
C GLU A 132 -12.55 2.55 12.52
N VAL A 133 -12.00 2.65 13.74
CA VAL A 133 -10.75 1.96 14.03
C VAL A 133 -11.09 0.52 14.44
N ALA A 134 -10.96 -0.40 13.48
CA ALA A 134 -11.20 -1.80 13.75
C ALA A 134 -10.14 -2.39 14.68
N SER A 135 -8.89 -1.94 14.51
CA SER A 135 -7.82 -2.34 15.42
C SER A 135 -6.68 -1.34 15.31
N SER A 136 -5.91 -1.25 16.40
CA SER A 136 -4.72 -0.41 16.46
C SER A 136 -3.73 -1.17 17.33
N VAL A 137 -2.58 -1.50 16.74
CA VAL A 137 -1.60 -2.39 17.36
C VAL A 137 -0.23 -1.76 17.24
N GLU A 138 0.38 -1.47 18.39
CA GLU A 138 1.73 -0.89 18.39
C GLU A 138 2.74 -1.91 17.89
N GLY A 139 3.64 -1.47 17.01
CA GLY A 139 4.65 -2.37 16.48
C GLY A 139 5.75 -2.54 17.51
N LYS A 140 6.39 -3.71 17.53
CA LYS A 140 7.47 -3.92 18.50
C LYS A 140 8.79 -3.41 17.97
N LEU A 141 9.53 -2.74 18.85
CA LEU A 141 10.83 -2.19 18.50
C LEU A 141 11.94 -3.12 18.96
N ASP A 142 12.99 -3.19 18.15
CA ASP A 142 14.18 -3.96 18.49
C ASP A 142 15.35 -3.40 17.72
N GLU A 143 16.45 -4.18 17.66
CA GLU A 143 17.65 -3.76 16.96
C GLU A 143 17.43 -3.51 15.46
N LYS A 144 16.58 -4.32 14.83
CA LYS A 144 16.32 -4.20 13.38
C LYS A 144 15.16 -3.25 13.04
N ASN A 145 14.37 -2.88 14.06
CA ASN A 145 13.16 -2.08 13.86
C ASN A 145 13.10 -0.98 14.89
N THR A 146 13.61 0.19 14.53
CA THR A 146 13.95 1.18 15.53
C THR A 146 13.06 2.44 15.48
N ILE A 147 12.12 2.46 14.53
CA ILE A 147 11.20 3.58 14.37
C ILE A 147 9.85 3.14 14.94
N PRO A 148 9.26 3.91 15.89
CA PRO A 148 7.95 3.51 16.40
C PRO A 148 6.91 3.50 15.28
N HIS A 149 6.02 2.53 15.36
CA HIS A 149 5.00 2.38 14.33
C HIS A 149 3.77 1.71 14.89
N THR A 150 2.64 1.97 14.26
CA THR A 150 1.37 1.41 14.71
C THR A 150 0.61 0.87 13.51
N PHE A 151 0.12 -0.35 13.62
CA PHE A 151 -0.70 -0.94 12.57
C PHE A 151 -2.16 -0.62 12.86
N LEU A 152 -2.76 0.15 11.96
CA LEU A 152 -4.20 0.50 12.04
C LEU A 152 -4.99 -0.26 10.97
N HIS A 153 -6.14 -0.79 11.36
CA HIS A 153 -7.10 -1.28 10.39
C HIS A 153 -8.33 -0.39 10.51
N LEU A 154 -8.60 0.37 9.45
CA LEU A 154 -9.71 1.31 9.42
C LEU A 154 -10.77 0.81 8.45
N ILE A 155 -12.03 0.89 8.86
CA ILE A 155 -13.14 0.44 8.04
C ILE A 155 -14.07 1.63 7.78
N ARG A 156 -14.47 1.79 6.52
CA ARG A 156 -15.32 2.91 6.15
C ARG A 156 -16.64 2.83 6.91
N LYS A 157 -17.01 3.93 7.57
CA LYS A 157 -18.27 4.02 8.31
C LYS A 157 -19.49 3.99 7.38
#